data_1RF2
#
_entry.id   1RF2
#
_cell.length_a   102.235
_cell.length_b   66.028
_cell.length_c   78.642
_cell.angle_alpha   90.00
_cell.angle_beta   105.80
_cell.angle_gamma   90.00
#
_symmetry.space_group_name_H-M   'C 1 2 1'
#
loop_
_entity.id
_entity.type
_entity.pdbx_description
1 polymer 'cholera toxin B protein (CTB)'
2 non-polymer 1,3-BIS-([3-[3-[3-(4-{3-[3-NITRO-5-(GALACTOPYRANOSYLOXY)-BENZOYLAMINO]-PROPYL}-PIPERAZIN-1-YL)-PROPYLAMINO-3,4-DIOXO-CYCLOBUTENYL]-AMINO-PROPOXY-ETHOXY-ETHOXY]-PROPYL-]AMINO-CARBONYLOXY)-2-AMINO-PROPANE
3 non-polymer 2-AMINO-2-HYDROXYMETHYL-PROPANE-1,3-DIOL
4 non-polymer 'TRIETHYLENE GLYCOL'
5 water water
#
_entity_poly.entity_id   1
_entity_poly.type   'polypeptide(L)'
_entity_poly.pdbx_seq_one_letter_code
;TPQNITDLCAEYHNTQIHTLNDKIFSYTESLAGKREMAIITFKNGATFQVEVPGSQHIDSQKKAIERMKDTLRIAYLTEA
KVEKLCVWNNKTPHAIAAISMAN
;
_entity_poly.pdbx_strand_id   D,E,F,G,H
#
loop_
_chem_comp.id
_chem_comp.type
_chem_comp.name
_chem_comp.formula
BV4 non-polymer 1,3-BIS-([3-[3-[3-(4-{3-[3-NITRO-5-(GALACTOPYRANOSYLOXY)-BENZOYLAMINO]-PROPYL}-PIPERAZIN-1-YL)-PROPYLAMINO-3,4-DIOXO-CYCLOBUTENYL]-AMINO-PROPOXY-ETHOXY-ETHOXY]-PROPYL-]AMINO-CARBONYLOXY)-2-AMINO-PROPANE 'C79 H123 N15 O32'
PGE non-polymer 'TRIETHYLENE GLYCOL' 'C6 H14 O4'
TRS non-polymer 2-AMINO-2-HYDROXYMETHYL-PROPANE-1,3-DIOL 'C4 H12 N O3 1'
#
# COMPACT_ATOMS: atom_id res chain seq x y z
N THR A 1 8.00 -27.40 -3.56
CA THR A 1 7.74 -26.17 -4.38
C THR A 1 9.02 -25.67 -5.04
N PRO A 2 8.91 -24.94 -6.15
CA PRO A 2 10.13 -24.43 -6.80
C PRO A 2 10.97 -23.56 -5.88
N GLN A 3 12.29 -23.59 -6.09
CA GLN A 3 13.18 -22.79 -5.27
C GLN A 3 13.65 -21.51 -5.94
N ASN A 4 13.29 -21.35 -7.21
CA ASN A 4 13.69 -20.16 -7.94
C ASN A 4 12.81 -19.98 -9.17
N ILE A 5 12.91 -18.80 -9.79
CA ILE A 5 12.01 -18.45 -10.87
C ILE A 5 12.19 -19.36 -12.10
N THR A 6 13.41 -19.84 -12.33
CA THR A 6 13.66 -20.65 -13.52
C THR A 6 12.94 -22.00 -13.41
N ASP A 7 13.04 -22.61 -12.23
CA ASP A 7 12.37 -23.88 -11.98
C ASP A 7 10.84 -23.70 -11.98
N LEU A 8 10.36 -22.58 -11.46
CA LEU A 8 8.93 -22.30 -11.48
C LEU A 8 8.45 -22.13 -12.93
N CYS A 9 9.20 -21.37 -13.71
CA CYS A 9 8.80 -21.08 -15.08
C CYS A 9 8.68 -22.37 -15.91
N ALA A 10 9.57 -23.34 -15.64
CA ALA A 10 9.64 -24.59 -16.38
C ALA A 10 8.42 -25.46 -16.18
N GLU A 11 7.62 -25.18 -15.15
CA GLU A 11 6.42 -25.97 -14.89
C GLU A 11 5.26 -25.63 -15.82
N TYR A 12 5.43 -24.64 -16.68
CA TYR A 12 4.31 -24.15 -17.49
C TYR A 12 4.59 -24.24 -18.97
N HIS A 13 3.55 -24.49 -19.74
CA HIS A 13 3.66 -24.44 -21.19
C HIS A 13 3.79 -23.02 -21.70
N ASN A 14 4.45 -22.87 -22.85
CA ASN A 14 4.51 -21.60 -23.57
C ASN A 14 5.18 -20.49 -22.75
N THR A 15 6.19 -20.83 -21.94
CA THR A 15 6.94 -19.86 -21.19
C THR A 15 8.41 -19.82 -21.56
N GLN A 16 9.03 -18.71 -21.18
CA GLN A 16 10.48 -18.60 -21.22
C GLN A 16 10.95 -17.58 -20.19
N ILE A 17 12.23 -17.68 -19.83
CA ILE A 17 12.89 -16.70 -19.01
C ILE A 17 13.58 -15.66 -19.89
N HIS A 18 13.39 -14.39 -19.55
CA HIS A 18 14.21 -13.28 -20.04
C HIS A 18 15.08 -12.79 -18.86
N THR A 19 16.38 -12.67 -19.10
CA THR A 19 17.28 -12.12 -18.10
C THR A 19 17.58 -10.67 -18.45
N LEU A 20 17.16 -9.80 -17.54
CA LEU A 20 17.27 -8.36 -17.75
C LEU A 20 18.47 -7.78 -17.01
N ASN A 21 18.58 -8.11 -15.73
CA ASN A 21 19.57 -7.50 -14.86
C ASN A 21 19.68 -5.98 -15.04
N ASP A 22 18.51 -5.34 -15.01
CA ASP A 22 18.41 -3.92 -15.24
C ASP A 22 17.17 -3.39 -14.56
N LYS A 23 17.18 -2.11 -14.25
CA LYS A 23 15.99 -1.44 -13.79
C LYS A 23 14.98 -1.29 -14.92
N ILE A 24 13.72 -1.07 -14.55
CA ILE A 24 12.65 -0.80 -15.50
C ILE A 24 12.84 0.60 -16.08
N PHE A 25 12.76 0.70 -17.41
CA PHE A 25 12.88 1.97 -18.10
C PHE A 25 11.59 2.78 -18.15
N SER A 26 10.45 2.12 -18.39
CA SER A 26 9.17 2.80 -18.35
C SER A 26 8.10 1.91 -17.73
N TYR A 27 7.14 2.55 -17.08
CA TYR A 27 6.00 1.89 -16.46
C TYR A 27 4.73 2.59 -16.94
N THR A 28 3.79 1.81 -17.47
CA THR A 28 2.53 2.33 -17.97
C THR A 28 1.39 1.57 -17.36
N GLU A 29 0.36 2.26 -16.93
CA GLU A 29 -0.84 1.58 -16.47
C GLU A 29 -2.08 2.28 -16.98
N SER A 30 -3.12 1.48 -17.17
CA SER A 30 -4.38 1.90 -17.80
C SER A 30 -5.59 1.48 -16.98
N LEU A 31 -6.57 2.39 -16.90
CA LEU A 31 -7.87 2.09 -16.35
C LEU A 31 -8.96 2.04 -17.44
N ALA A 32 -8.56 2.09 -18.71
CA ALA A 32 -9.54 2.08 -19.79
C ALA A 32 -10.19 0.73 -19.87
N GLY A 33 -11.46 0.74 -20.20
CA GLY A 33 -12.23 -0.48 -20.16
C GLY A 33 -11.75 -1.57 -21.10
N LYS A 34 -11.56 -2.76 -20.55
CA LYS A 34 -11.01 -3.94 -21.24
C LYS A 34 -9.51 -3.86 -21.48
N ARG A 35 -8.89 -2.79 -20.99
CA ARG A 35 -7.44 -2.63 -21.04
C ARG A 35 -6.89 -2.22 -19.70
N GLU A 36 -7.44 -2.82 -18.65
CA GLU A 36 -6.97 -2.59 -17.30
C GLU A 36 -5.70 -3.44 -17.08
N MET A 37 -4.57 -2.86 -17.43
CA MET A 37 -3.32 -3.58 -17.56
C MET A 37 -2.15 -2.67 -17.25
N ALA A 38 -0.96 -3.30 -17.14
CA ALA A 38 0.29 -2.55 -17.03
C ALA A 38 1.21 -3.03 -18.12
N ILE A 39 2.10 -2.15 -18.53
CA ILE A 39 3.10 -2.46 -19.55
C ILE A 39 4.41 -1.90 -19.03
N ILE A 40 5.49 -2.68 -19.10
CA ILE A 40 6.81 -2.16 -18.75
C ILE A 40 7.75 -2.35 -19.92
N THR A 41 8.73 -1.47 -20.00
CA THR A 41 9.83 -1.69 -20.92
C THR A 41 11.16 -1.51 -20.23
N PHE A 42 12.18 -2.06 -20.90
CA PHE A 42 13.58 -1.89 -20.53
C PHE A 42 14.30 -1.10 -21.61
N LYS A 43 15.47 -0.55 -21.25
CA LYS A 43 16.22 0.32 -22.14
C LYS A 43 16.56 -0.39 -23.45
N ASN A 44 16.64 -1.71 -23.42
CA ASN A 44 16.94 -2.49 -24.64
C ASN A 44 15.73 -2.67 -25.57
N GLY A 45 14.61 -2.06 -25.21
CA GLY A 45 13.38 -2.12 -26.01
C GLY A 45 12.41 -3.24 -25.60
N ALA A 46 12.86 -4.17 -24.76
CA ALA A 46 12.01 -5.29 -24.39
C ALA A 46 10.78 -4.79 -23.67
N THR A 47 9.62 -5.31 -24.05
CA THR A 47 8.32 -4.85 -23.60
C THR A 47 7.54 -6.03 -23.08
N PHE A 48 6.91 -5.81 -21.93
CA PHE A 48 6.17 -6.85 -21.25
C PHE A 48 4.86 -6.30 -20.71
N GLN A 49 3.85 -7.16 -20.62
CA GLN A 49 2.55 -6.79 -20.05
C GLN A 49 2.21 -7.63 -18.82
N VAL A 50 1.43 -7.03 -17.93
CA VAL A 50 0.55 -7.78 -17.03
C VAL A 50 -0.81 -7.79 -17.69
N GLU A 51 -1.29 -8.98 -18.04
CA GLU A 51 -2.51 -9.11 -18.83
C GLU A 51 -3.71 -8.61 -18.06
N VAL A 52 -4.68 -8.11 -18.80
CA VAL A 52 -6.01 -7.87 -18.26
C VAL A 52 -6.56 -9.19 -17.70
N PRO A 53 -7.13 -9.18 -16.48
CA PRO A 53 -7.72 -10.41 -15.93
C PRO A 53 -8.79 -10.95 -16.87
N GLY A 54 -8.76 -12.25 -17.11
CA GLY A 54 -9.74 -12.84 -17.99
C GLY A 54 -9.96 -14.31 -17.71
N SER A 55 -10.65 -14.95 -18.65
CA SER A 55 -11.07 -16.34 -18.51
C SER A 55 -9.92 -17.34 -18.46
N GLN A 56 -8.74 -16.89 -18.88
CA GLN A 56 -7.51 -17.67 -18.85
C GLN A 56 -6.91 -17.77 -17.45
N HIS A 57 -7.47 -16.99 -16.53
CA HIS A 57 -6.97 -16.95 -15.19
C HIS A 57 -7.92 -17.61 -14.20
N ILE A 58 -7.39 -18.42 -13.30
CA ILE A 58 -8.19 -18.96 -12.20
C ILE A 58 -8.33 -17.93 -11.07
N ASP A 59 -9.30 -18.15 -10.18
CA ASP A 59 -9.60 -17.14 -9.16
C ASP A 59 -8.36 -16.75 -8.34
N SER A 60 -7.52 -17.74 -8.00
CA SER A 60 -6.36 -17.49 -7.17
C SER A 60 -5.35 -16.58 -7.85
N GLN A 61 -5.38 -16.53 -9.19
CA GLN A 61 -4.47 -15.66 -9.92
C GLN A 61 -4.91 -14.20 -9.87
N LYS A 62 -6.19 -13.93 -9.66
CA LYS A 62 -6.68 -12.54 -9.66
C LYS A 62 -5.98 -11.64 -8.65
N LYS A 63 -5.85 -12.07 -7.38
CA LYS A 63 -5.18 -11.25 -6.37
C LYS A 63 -3.71 -11.10 -6.77
N ALA A 64 -3.12 -12.17 -7.32
CA ALA A 64 -1.72 -12.15 -7.67
C ALA A 64 -1.42 -11.19 -8.83
N ILE A 65 -2.37 -11.02 -9.75
CA ILE A 65 -2.24 -10.05 -10.84
C ILE A 65 -2.19 -8.65 -10.26
N GLU A 66 -3.06 -8.38 -9.29
CA GLU A 66 -3.07 -7.05 -8.66
C GLU A 66 -1.75 -6.81 -7.91
N ARG A 67 -1.23 -7.83 -7.23
CA ARG A 67 0.04 -7.70 -6.52
C ARG A 67 1.17 -7.41 -7.50
N MET A 68 1.19 -8.08 -8.64
CA MET A 68 2.24 -7.93 -9.61
C MET A 68 2.30 -6.49 -10.12
N LYS A 69 1.14 -5.88 -10.38
CA LYS A 69 1.13 -4.50 -10.83
C LYS A 69 1.67 -3.60 -9.72
N ASP A 70 1.34 -3.90 -8.47
CA ASP A 70 1.89 -3.17 -7.34
C ASP A 70 3.42 -3.30 -7.34
N THR A 71 3.89 -4.51 -7.53
CA THR A 71 5.33 -4.79 -7.51
C THR A 71 6.06 -4.07 -8.61
N LEU A 72 5.51 -4.09 -9.82
CA LEU A 72 6.19 -3.42 -10.92
C LEU A 72 6.25 -1.91 -10.69
N ARG A 73 5.18 -1.31 -10.18
CA ARG A 73 5.17 0.13 -9.95
C ARG A 73 6.22 0.51 -8.93
N ILE A 74 6.32 -0.24 -7.82
CA ILE A 74 7.30 0.19 -6.82
C ILE A 74 8.75 -0.15 -7.25
N ALA A 75 8.92 -1.25 -8.00
CA ALA A 75 10.22 -1.55 -8.55
C ALA A 75 10.66 -0.44 -9.48
N TYR A 76 9.74 0.01 -10.31
CA TYR A 76 10.03 1.13 -11.22
C TYR A 76 10.48 2.36 -10.42
N LEU A 77 9.67 2.75 -9.44
CA LEU A 77 9.92 4.00 -8.72
C LEU A 77 11.18 3.94 -7.88
N THR A 78 11.57 2.76 -7.42
CA THR A 78 12.78 2.63 -6.61
C THR A 78 14.03 2.29 -7.44
N GLU A 79 13.86 2.13 -8.75
CA GLU A 79 14.99 1.78 -9.64
C GLU A 79 15.59 0.42 -9.27
N ALA A 80 14.76 -0.45 -8.71
CA ALA A 80 15.19 -1.79 -8.35
C ALA A 80 15.59 -2.59 -9.61
N LYS A 81 16.70 -3.32 -9.52
CA LYS A 81 17.14 -4.15 -10.62
C LYS A 81 16.28 -5.39 -10.71
N VAL A 82 15.70 -5.59 -11.90
CA VAL A 82 14.99 -6.81 -12.22
C VAL A 82 16.01 -7.80 -12.73
N GLU A 83 16.04 -8.98 -12.09
CA GLU A 83 16.94 -10.05 -12.53
C GLU A 83 16.33 -10.76 -13.72
N LYS A 84 15.24 -11.50 -13.50
CA LYS A 84 14.57 -12.25 -14.54
C LYS A 84 13.07 -12.04 -14.55
N LEU A 85 12.49 -12.20 -15.74
CA LEU A 85 11.04 -12.40 -15.91
C LEU A 85 10.75 -13.75 -16.51
N CYS A 86 9.79 -14.44 -15.91
CA CYS A 86 9.18 -15.61 -16.52
C CYS A 86 7.95 -15.09 -17.22
N VAL A 87 7.84 -15.36 -18.51
CA VAL A 87 6.75 -14.86 -19.31
C VAL A 87 6.10 -15.95 -20.12
N TRP A 88 4.82 -15.76 -20.45
CA TRP A 88 4.18 -16.53 -21.51
C TRP A 88 4.46 -15.84 -22.84
N ASN A 89 4.92 -16.65 -23.79
CA ASN A 89 5.34 -16.16 -25.10
C ASN A 89 4.32 -16.42 -26.19
N ASN A 90 3.10 -16.82 -25.80
CA ASN A 90 1.98 -16.92 -26.72
C ASN A 90 1.07 -15.68 -26.66
N LYS A 91 1.64 -14.60 -26.14
CA LYS A 91 0.98 -13.31 -26.07
C LYS A 91 1.98 -12.26 -26.53
N THR A 92 1.47 -11.16 -27.08
CA THR A 92 2.31 -10.05 -27.50
C THR A 92 1.74 -8.75 -26.93
N PRO A 93 2.48 -7.96 -26.14
CA PRO A 93 3.80 -8.29 -25.58
C PRO A 93 3.76 -9.55 -24.74
N HIS A 94 4.91 -10.16 -24.51
CA HIS A 94 4.92 -11.33 -23.64
C HIS A 94 4.35 -10.95 -22.29
N ALA A 95 3.64 -11.90 -21.71
CA ALA A 95 2.86 -11.69 -20.52
C ALA A 95 3.63 -12.20 -19.29
N ILE A 96 3.75 -11.38 -18.28
CA ILE A 96 4.51 -11.72 -17.08
C ILE A 96 3.77 -12.77 -16.25
N ALA A 97 4.50 -13.85 -15.92
CA ALA A 97 4.07 -14.87 -14.97
C ALA A 97 4.76 -14.74 -13.62
N ALA A 98 6.02 -14.33 -13.63
CA ALA A 98 6.79 -14.19 -12.39
C ALA A 98 7.93 -13.21 -12.62
N ILE A 99 8.42 -12.64 -11.51
CA ILE A 99 9.52 -11.67 -11.52
C ILE A 99 10.49 -12.03 -10.42
N SER A 100 11.80 -11.86 -10.71
CA SER A 100 12.81 -11.94 -9.65
C SER A 100 13.62 -10.67 -9.64
N MET A 101 13.94 -10.22 -8.43
CA MET A 101 14.74 -9.03 -8.22
C MET A 101 15.93 -9.43 -7.36
N ALA A 102 17.11 -8.96 -7.75
CA ALA A 102 18.35 -9.18 -7.01
C ALA A 102 19.35 -8.11 -7.48
N ASN A 103 20.26 -7.76 -6.60
CA ASN A 103 21.36 -6.79 -6.84
C ASN A 103 20.91 -5.36 -7.13
N THR B 1 0.18 -15.21 25.39
CA THR B 1 0.42 -14.25 24.23
C THR B 1 1.87 -13.82 24.02
N PRO B 2 2.48 -14.30 22.95
CA PRO B 2 3.95 -14.25 22.83
C PRO B 2 4.51 -12.85 22.79
N GLN B 3 5.69 -12.70 23.38
CA GLN B 3 6.37 -11.42 23.38
C GLN B 3 7.45 -11.33 22.33
N ASN B 4 7.75 -12.45 21.68
CA ASN B 4 8.76 -12.48 20.65
C ASN B 4 8.57 -13.66 19.70
N ILE B 5 9.29 -13.60 18.58
CA ILE B 5 9.12 -14.60 17.53
C ILE B 5 9.49 -16.01 17.95
N THR B 6 10.47 -16.13 18.83
CA THR B 6 10.94 -17.45 19.23
C THR B 6 9.87 -18.16 20.06
N ASP B 7 9.26 -17.42 20.97
CA ASP B 7 8.21 -17.99 21.79
C ASP B 7 6.97 -18.31 20.94
N LEU B 8 6.64 -17.43 20.00
CA LEU B 8 5.53 -17.66 19.11
C LEU B 8 5.78 -18.93 18.30
N CYS B 9 6.97 -19.05 17.75
CA CYS B 9 7.31 -20.17 16.86
C CYS B 9 7.17 -21.51 17.59
N ALA B 10 7.56 -21.52 18.87
CA ALA B 10 7.53 -22.72 19.69
C ALA B 10 6.12 -23.21 20.03
N GLU B 11 5.10 -22.42 19.73
CA GLU B 11 3.71 -22.85 19.97
C GLU B 11 3.20 -23.83 18.91
N TYR B 12 3.99 -24.07 17.86
CA TYR B 12 3.57 -24.83 16.70
C TYR B 12 4.47 -26.05 16.49
N HIS B 13 3.91 -27.12 15.94
CA HIS B 13 4.70 -28.26 15.50
C HIS B 13 5.33 -27.98 14.15
N ASN B 14 6.41 -28.70 13.86
CA ASN B 14 7.09 -28.64 12.56
C ASN B 14 7.59 -27.24 12.23
N THR B 15 8.02 -26.52 13.25
CA THR B 15 8.64 -25.22 13.02
C THR B 15 10.04 -25.16 13.56
N GLN B 16 10.78 -24.17 13.05
CA GLN B 16 12.07 -23.80 13.60
C GLN B 16 12.38 -22.34 13.30
N ILE B 17 13.28 -21.80 14.10
CA ILE B 17 13.81 -20.46 13.89
C ILE B 17 15.08 -20.57 13.05
N HIS B 18 15.16 -19.73 12.02
CA HIS B 18 16.38 -19.44 11.28
C HIS B 18 16.81 -18.02 11.66
N THR B 19 18.06 -17.86 12.09
CA THR B 19 18.57 -16.53 12.36
C THR B 19 19.40 -16.07 11.17
N LEU B 20 18.99 -14.96 10.57
CA LEU B 20 19.63 -14.46 9.36
C LEU B 20 20.53 -13.28 9.67
N ASN B 21 19.99 -12.32 10.41
CA ASN B 21 20.68 -11.05 10.65
C ASN B 21 21.32 -10.48 9.38
N ASP B 22 20.49 -10.39 8.33
CA ASP B 22 20.97 -9.94 7.01
C ASP B 22 19.77 -9.46 6.21
N LYS B 23 20.03 -8.62 5.21
CA LYS B 23 19.01 -8.23 4.27
C LYS B 23 18.71 -9.37 3.32
N ILE B 24 17.56 -9.28 2.68
CA ILE B 24 17.16 -10.24 1.66
C ILE B 24 17.98 -10.01 0.39
N PHE B 25 18.53 -11.11 -0.13
CA PHE B 25 19.34 -11.08 -1.35
C PHE B 25 18.51 -11.06 -2.62
N SER B 26 17.45 -11.86 -2.65
CA SER B 26 16.56 -11.82 -3.78
C SER B 26 15.11 -11.99 -3.38
N TYR B 27 14.24 -11.42 -4.20
CA TYR B 27 12.79 -11.47 -4.01
C TYR B 27 12.15 -11.92 -5.31
N THR B 28 11.38 -13.01 -5.27
CA THR B 28 10.68 -13.56 -6.43
C THR B 28 9.19 -13.70 -6.14
N GLU B 29 8.35 -13.33 -7.12
CA GLU B 29 6.92 -13.43 -6.92
C GLU B 29 6.28 -13.92 -8.19
N SER B 30 5.25 -14.78 -8.05
CA SER B 30 4.60 -15.45 -9.19
C SER B 30 3.10 -15.30 -9.13
N LEU B 31 2.51 -15.06 -10.31
CA LEU B 31 1.06 -15.05 -10.47
C LEU B 31 0.60 -16.29 -11.29
N ALA B 32 1.51 -17.24 -11.55
CA ALA B 32 1.17 -18.40 -12.33
C ALA B 32 0.24 -19.30 -11.52
N GLY B 33 -0.72 -19.93 -12.20
CA GLY B 33 -1.79 -20.67 -11.53
C GLY B 33 -1.26 -21.82 -10.70
N LYS B 34 -1.73 -21.88 -9.46
CA LYS B 34 -1.29 -22.86 -8.46
C LYS B 34 0.15 -22.62 -7.95
N ARG B 35 0.77 -21.50 -8.35
CA ARG B 35 2.06 -21.14 -7.83
C ARG B 35 2.05 -19.65 -7.52
N GLU B 36 0.95 -19.19 -6.93
CA GLU B 36 0.81 -17.79 -6.52
C GLU B 36 1.51 -17.65 -5.17
N MET B 37 2.80 -17.36 -5.22
CA MET B 37 3.69 -17.52 -4.08
C MET B 37 4.81 -16.51 -4.20
N ALA B 38 5.54 -16.36 -3.09
CA ALA B 38 6.75 -15.56 -3.07
C ALA B 38 7.87 -16.45 -2.59
N ILE B 39 9.08 -16.22 -3.12
CA ILE B 39 10.29 -16.87 -2.68
C ILE B 39 11.34 -15.82 -2.36
N ILE B 40 12.00 -15.95 -1.21
CA ILE B 40 13.16 -15.09 -0.91
C ILE B 40 14.40 -15.91 -0.70
N THR B 41 15.56 -15.32 -1.03
CA THR B 41 16.81 -15.93 -0.65
C THR B 41 17.71 -14.93 0.05
N PHE B 42 18.66 -15.48 0.78
CA PHE B 42 19.71 -14.73 1.42
C PHE B 42 21.04 -15.10 0.78
N LYS B 43 22.05 -14.28 1.04
CA LYS B 43 23.30 -14.48 0.34
C LYS B 43 24.01 -15.77 0.75
N ASN B 44 23.66 -16.34 1.90
CA ASN B 44 24.16 -17.64 2.30
C ASN B 44 23.53 -18.84 1.55
N GLY B 45 22.60 -18.57 0.64
CA GLY B 45 21.88 -19.59 -0.10
C GLY B 45 20.52 -19.98 0.47
N ALA B 46 20.27 -19.60 1.72
CA ALA B 46 19.03 -20.00 2.37
C ALA B 46 17.84 -19.47 1.58
N THR B 47 16.84 -20.33 1.36
CA THR B 47 15.68 -20.03 0.55
C THR B 47 14.41 -20.34 1.32
N PHE B 48 13.42 -19.45 1.21
CA PHE B 48 12.16 -19.60 1.92
C PHE B 48 11.03 -19.18 1.01
N GLN B 49 9.86 -19.75 1.30
CA GLN B 49 8.66 -19.37 0.56
C GLN B 49 7.59 -18.82 1.46
N VAL B 50 6.72 -18.00 0.86
CA VAL B 50 5.38 -17.81 1.38
C VAL B 50 4.48 -18.74 0.57
N GLU B 51 3.89 -19.73 1.24
CA GLU B 51 3.12 -20.75 0.53
C GLU B 51 1.94 -20.18 -0.23
N VAL B 52 1.59 -20.89 -1.29
CA VAL B 52 0.30 -20.66 -1.95
C VAL B 52 -0.81 -20.86 -0.93
N PRO B 53 -1.80 -19.97 -0.87
CA PRO B 53 -2.91 -20.20 0.05
C PRO B 53 -3.63 -21.51 -0.25
N GLY B 54 -3.91 -22.29 0.78
CA GLY B 54 -4.53 -23.59 0.54
C GLY B 54 -5.35 -24.13 1.68
N SER B 55 -5.77 -25.39 1.56
CA SER B 55 -6.60 -26.07 2.55
C SER B 55 -5.99 -26.11 3.94
N GLN B 56 -4.67 -26.01 4.02
CA GLN B 56 -3.98 -26.04 5.30
C GLN B 56 -4.14 -24.75 6.09
N HIS B 57 -4.64 -23.71 5.45
CA HIS B 57 -4.76 -22.38 6.05
C HIS B 57 -6.19 -22.16 6.50
N ILE B 58 -6.33 -21.67 7.72
CA ILE B 58 -7.64 -21.21 8.18
C ILE B 58 -7.92 -19.83 7.63
N ASP B 59 -9.19 -19.44 7.68
CA ASP B 59 -9.62 -18.21 7.04
C ASP B 59 -8.82 -17.00 7.53
N SER B 60 -8.58 -16.94 8.82
CA SER B 60 -7.88 -15.81 9.42
C SER B 60 -6.47 -15.69 8.93
N GLN B 61 -5.90 -16.78 8.42
CA GLN B 61 -4.54 -16.71 7.86
C GLN B 61 -4.46 -16.04 6.47
N LYS B 62 -5.57 -15.99 5.75
CA LYS B 62 -5.53 -15.52 4.37
C LYS B 62 -5.02 -14.09 4.23
N LYS B 63 -5.54 -13.17 5.03
CA LYS B 63 -5.13 -11.76 4.99
C LYS B 63 -3.68 -11.66 5.45
N ALA B 64 -3.28 -12.49 6.41
CA ALA B 64 -1.92 -12.44 6.94
C ALA B 64 -0.88 -12.93 5.91
N ILE B 65 -1.25 -13.92 5.08
CA ILE B 65 -0.38 -14.36 4.00
C ILE B 65 -0.13 -13.20 3.04
N GLU B 66 -1.20 -12.49 2.69
CA GLU B 66 -1.05 -11.33 1.80
C GLU B 66 -0.18 -10.24 2.44
N ARG B 67 -0.35 -10.01 3.73
CA ARG B 67 0.48 -9.04 4.41
C ARG B 67 1.94 -9.45 4.41
N MET B 68 2.21 -10.74 4.62
CA MET B 68 3.59 -11.19 4.68
C MET B 68 4.30 -10.94 3.34
N LYS B 69 3.60 -11.19 2.23
CA LYS B 69 4.23 -10.89 0.95
C LYS B 69 4.47 -9.40 0.78
N ASP B 70 3.55 -8.56 1.26
CA ASP B 70 3.81 -7.12 1.26
C ASP B 70 5.06 -6.79 2.05
N THR B 71 5.18 -7.37 3.21
CA THR B 71 6.30 -7.13 4.10
C THR B 71 7.62 -7.55 3.50
N LEU B 72 7.67 -8.73 2.90
CA LEU B 72 8.92 -9.19 2.29
C LEU B 72 9.35 -8.31 1.11
N ARG B 73 8.40 -7.86 0.31
CA ARG B 73 8.72 -6.98 -0.81
C ARG B 73 9.32 -5.67 -0.34
N ILE B 74 8.68 -5.02 0.63
CA ILE B 74 9.24 -3.76 1.11
C ILE B 74 10.53 -3.90 1.91
N ALA B 75 10.65 -4.99 2.65
CA ALA B 75 11.89 -5.31 3.33
C ALA B 75 12.99 -5.46 2.31
N TYR B 76 12.71 -6.19 1.24
CA TYR B 76 13.71 -6.36 0.20
C TYR B 76 14.13 -5.02 -0.38
N LEU B 77 13.14 -4.21 -0.74
CA LEU B 77 13.43 -2.96 -1.43
C LEU B 77 14.15 -1.93 -0.57
N THR B 78 13.90 -1.96 0.75
CA THR B 78 14.53 -1.03 1.68
C THR B 78 15.82 -1.60 2.27
N GLU B 79 16.20 -2.80 1.85
CA GLU B 79 17.39 -3.46 2.41
C GLU B 79 17.34 -3.59 3.93
N ALA B 80 16.15 -3.81 4.48
CA ALA B 80 15.98 -3.99 5.90
C ALA B 80 16.57 -5.30 6.36
N LYS B 81 17.27 -5.24 7.49
CA LYS B 81 17.85 -6.47 8.04
C LYS B 81 16.76 -7.33 8.64
N VAL B 82 16.73 -8.57 8.18
CA VAL B 82 15.89 -9.58 8.76
C VAL B 82 16.65 -10.23 9.90
N GLU B 83 16.07 -10.23 11.10
CA GLU B 83 16.65 -10.88 12.28
C GLU B 83 16.42 -12.39 12.19
N LYS B 84 15.16 -12.81 12.33
CA LYS B 84 14.81 -14.22 12.36
C LYS B 84 13.59 -14.46 11.49
N LEU B 85 13.51 -15.70 11.00
CA LEU B 85 12.28 -16.28 10.43
C LEU B 85 11.88 -17.48 11.27
N CYS B 86 10.59 -17.53 11.61
CA CYS B 86 9.94 -18.78 12.03
C CYS B 86 9.38 -19.45 10.79
N VAL B 87 9.76 -20.70 10.56
CA VAL B 87 9.31 -21.43 9.38
C VAL B 87 8.77 -22.79 9.72
N TRP B 88 7.87 -23.28 8.88
CA TRP B 88 7.53 -24.70 8.90
C TRP B 88 8.55 -25.46 8.08
N ASN B 89 9.08 -26.53 8.68
CA ASN B 89 10.18 -27.30 8.11
C ASN B 89 9.72 -28.58 7.44
N ASN B 90 8.40 -28.73 7.30
CA ASN B 90 7.84 -29.86 6.56
C ASN B 90 7.41 -29.49 5.14
N LYS B 91 8.05 -28.43 4.62
CA LYS B 91 7.86 -27.95 3.26
C LYS B 91 9.22 -27.61 2.72
N THR B 92 9.34 -27.65 1.40
CA THR B 92 10.55 -27.27 0.70
C THR B 92 10.21 -26.32 -0.41
N PRO B 93 10.76 -25.11 -0.43
CA PRO B 93 11.58 -24.50 0.62
C PRO B 93 10.78 -24.35 1.92
N HIS B 94 11.46 -24.15 3.03
CA HIS B 94 10.73 -23.97 4.27
C HIS B 94 9.79 -22.77 4.11
N ALA B 95 8.63 -22.91 4.76
CA ALA B 95 7.52 -21.96 4.62
C ALA B 95 7.47 -20.98 5.78
N ILE B 96 7.43 -19.70 5.44
CA ILE B 96 7.44 -18.66 6.46
C ILE B 96 6.13 -18.61 7.24
N ALA B 97 6.27 -18.65 8.55
CA ALA B 97 5.20 -18.42 9.51
C ALA B 97 5.27 -17.05 10.16
N ALA B 98 6.48 -16.54 10.38
CA ALA B 98 6.66 -15.23 11.04
C ALA B 98 8.03 -14.69 10.68
N ILE B 99 8.14 -13.37 10.80
CA ILE B 99 9.38 -12.65 10.55
C ILE B 99 9.62 -11.62 11.66
N SER B 100 10.88 -11.44 12.03
CA SER B 100 11.27 -10.33 12.87
C SER B 100 12.37 -9.53 12.19
N MET B 101 12.28 -8.22 12.35
CA MET B 101 13.27 -7.27 11.84
C MET B 101 13.77 -6.42 12.99
N ALA B 102 15.08 -6.29 13.06
CA ALA B 102 15.75 -5.43 14.03
C ALA B 102 17.11 -5.04 13.43
N ASN B 103 17.61 -3.88 13.83
CA ASN B 103 18.99 -3.47 13.55
C ASN B 103 19.30 -3.33 12.06
N THR C 1 -15.26 15.01 19.05
CA THR C 1 -14.23 13.94 18.92
C THR C 1 -12.98 14.37 19.67
N PRO C 2 -12.15 13.42 20.11
CA PRO C 2 -10.94 13.82 20.82
C PRO C 2 -10.00 14.61 19.92
N GLN C 3 -9.24 15.49 20.54
CA GLN C 3 -8.32 16.29 19.79
C GLN C 3 -6.93 15.70 19.78
N ASN C 4 -6.68 14.70 20.62
CA ASN C 4 -5.36 14.11 20.73
C ASN C 4 -5.45 12.73 21.34
N ILE C 5 -4.34 12.01 21.29
CA ILE C 5 -4.32 10.62 21.70
C ILE C 5 -4.61 10.43 23.20
N THR C 6 -4.20 11.40 24.02
CA THR C 6 -4.41 11.29 25.45
C THR C 6 -5.89 11.34 25.78
N ASP C 7 -6.59 12.29 25.18
CA ASP C 7 -8.01 12.44 25.41
C ASP C 7 -8.77 11.23 24.84
N LEU C 8 -8.33 10.72 23.69
CA LEU C 8 -8.94 9.55 23.12
C LEU C 8 -8.78 8.36 24.06
N CYS C 9 -7.56 8.16 24.52
CA CYS C 9 -7.29 7.02 25.40
C CYS C 9 -8.17 7.03 26.63
N ALA C 10 -8.41 8.22 27.18
CA ALA C 10 -9.15 8.39 28.42
C ALA C 10 -10.63 8.02 28.28
N GLU C 11 -11.12 7.92 27.05
CA GLU C 11 -12.50 7.52 26.81
C GLU C 11 -12.74 6.04 27.05
N TYR C 12 -11.67 5.28 27.23
CA TYR C 12 -11.74 3.82 27.32
C TYR C 12 -11.26 3.34 28.67
N HIS C 13 -11.92 2.34 29.21
CA HIS C 13 -11.47 1.65 30.41
C HIS C 13 -10.25 0.75 30.12
N ASN C 14 -9.46 0.51 31.17
CA ASN C 14 -8.32 -0.40 31.10
C ASN C 14 -7.25 0.03 30.10
N THR C 15 -7.03 1.34 29.94
CA THR C 15 -5.98 1.85 29.07
C THR C 15 -4.98 2.68 29.84
N GLN C 16 -3.86 2.92 29.17
CA GLN C 16 -2.90 3.92 29.61
C GLN C 16 -2.14 4.46 28.41
N ILE C 17 -1.52 5.61 28.61
CA ILE C 17 -0.58 6.15 27.64
C ILE C 17 0.83 5.72 28.05
N HIS C 18 1.61 5.31 27.06
CA HIS C 18 3.06 5.17 27.16
C HIS C 18 3.66 6.25 26.29
N THR C 19 4.56 7.05 26.88
CA THR C 19 5.29 8.07 26.15
C THR C 19 6.67 7.50 25.85
N LEU C 20 6.93 7.31 24.56
CA LEU C 20 8.17 6.68 24.09
C LEU C 20 9.16 7.69 23.51
N ASN C 21 8.65 8.59 22.67
CA ASN C 21 9.54 9.51 21.96
C ASN C 21 10.79 8.83 21.38
N ASP C 22 10.58 7.75 20.64
CA ASP C 22 11.68 6.95 20.11
C ASP C 22 11.18 6.16 18.91
N LYS C 23 12.09 5.79 18.02
CA LYS C 23 11.75 4.89 16.94
C LYS C 23 11.56 3.47 17.47
N ILE C 24 10.90 2.65 16.66
CA ILE C 24 10.67 1.26 16.99
C ILE C 24 11.99 0.50 16.82
N PHE C 25 12.33 -0.31 17.81
CA PHE C 25 13.55 -1.12 17.78
C PHE C 25 13.41 -2.41 16.96
N SER C 26 12.28 -3.09 17.11
CA SER C 26 12.01 -4.30 16.36
C SER C 26 10.54 -4.41 15.97
N TYR C 27 10.33 -5.06 14.82
CA TYR C 27 9.02 -5.32 14.25
C TYR C 27 8.93 -6.80 13.91
N THR C 28 7.89 -7.44 14.43
CA THR C 28 7.64 -8.85 14.20
C THR C 28 6.22 -9.05 13.73
N GLU C 29 6.00 -9.91 12.72
CA GLU C 29 4.63 -10.22 12.32
C GLU C 29 4.53 -11.70 11.99
N SER C 30 3.34 -12.24 12.19
CA SER C 30 3.08 -13.66 12.07
C SER C 30 1.81 -13.90 11.28
N LEU C 31 1.86 -14.94 10.44
CA LEU C 31 0.68 -15.49 9.76
C LEU C 31 0.26 -16.85 10.29
N ALA C 32 0.89 -17.26 11.39
CA ALA C 32 0.55 -18.55 12.01
C ALA C 32 -0.89 -18.50 12.56
N GLY C 33 -1.59 -19.63 12.44
CA GLY C 33 -3.00 -19.69 12.78
C GLY C 33 -3.24 -19.36 14.23
N LYS C 34 -4.20 -18.47 14.47
CA LYS C 34 -4.54 -17.94 15.78
C LYS C 34 -3.49 -17.04 16.40
N ARG C 35 -2.44 -16.72 15.64
CA ARG C 35 -1.42 -15.77 16.07
C ARG C 35 -1.12 -14.82 14.93
N GLU C 36 -2.18 -14.38 14.25
CA GLU C 36 -2.03 -13.44 13.16
C GLU C 36 -1.96 -12.06 13.81
N MET C 37 -0.75 -11.66 14.15
CA MET C 37 -0.51 -10.51 15.02
C MET C 37 0.80 -9.83 14.65
N ALA C 38 1.01 -8.65 15.22
CA ALA C 38 2.28 -7.97 15.16
C ALA C 38 2.74 -7.66 16.59
N ILE C 39 4.07 -7.61 16.77
CA ILE C 39 4.71 -7.25 18.01
C ILE C 39 5.79 -6.23 17.70
N ILE C 40 5.82 -5.13 18.44
CA ILE C 40 6.93 -4.19 18.36
C ILE C 40 7.63 -4.08 19.70
N THR C 41 8.92 -3.71 19.68
CA THR C 41 9.65 -3.37 20.89
C THR C 41 10.39 -2.08 20.70
N PHE C 42 10.74 -1.50 21.84
CA PHE C 42 11.58 -0.32 21.90
C PHE C 42 12.85 -0.68 22.61
N LYS C 43 13.87 0.15 22.43
CA LYS C 43 15.20 -0.16 22.92
C LYS C 43 15.19 -0.36 24.44
N ASN C 44 14.29 0.33 25.14
CA ASN C 44 14.16 0.16 26.59
C ASN C 44 13.51 -1.16 27.02
N GLY C 45 13.13 -1.98 26.05
CA GLY C 45 12.52 -3.27 26.33
C GLY C 45 11.00 -3.29 26.29
N ALA C 46 10.35 -2.14 26.28
CA ALA C 46 8.90 -2.12 26.22
C ALA C 46 8.43 -2.83 24.96
N THR C 47 7.40 -3.68 25.14
CA THR C 47 6.88 -4.57 24.10
C THR C 47 5.39 -4.38 24.00
N PHE C 48 4.88 -4.30 22.77
CA PHE C 48 3.46 -4.08 22.52
C PHE C 48 3.01 -4.98 21.41
N GLN C 49 1.73 -5.34 21.43
CA GLN C 49 1.13 -6.13 20.37
C GLN C 49 0.00 -5.37 19.68
N VAL C 50 -0.22 -5.75 18.42
CA VAL C 50 -1.52 -5.57 17.79
C VAL C 50 -2.20 -6.93 17.90
N GLU C 51 -3.27 -6.98 18.67
CA GLU C 51 -3.93 -8.24 18.97
C GLU C 51 -4.46 -8.91 17.72
N VAL C 52 -4.53 -10.22 17.79
CA VAL C 52 -5.27 -11.03 16.83
C VAL C 52 -6.72 -10.57 16.84
N PRO C 53 -7.32 -10.38 15.68
CA PRO C 53 -8.72 -9.98 15.65
C PRO C 53 -9.57 -11.05 16.34
N GLY C 54 -10.43 -10.63 17.28
CA GLY C 54 -11.27 -11.56 18.01
C GLY C 54 -12.63 -11.04 18.38
N SER C 55 -13.30 -11.76 19.28
CA SER C 55 -14.69 -11.45 19.62
C SER C 55 -14.81 -10.19 20.44
N GLN C 56 -13.71 -9.70 21.00
CA GLN C 56 -13.71 -8.47 21.76
C GLN C 56 -13.77 -7.26 20.84
N HIS C 57 -13.53 -7.46 19.55
CA HIS C 57 -13.50 -6.37 18.58
C HIS C 57 -14.83 -6.26 17.85
N ILE C 58 -15.28 -5.04 17.60
CA ILE C 58 -16.47 -4.86 16.79
C ILE C 58 -16.03 -4.76 15.34
N ASP C 59 -16.98 -4.92 14.43
CA ASP C 59 -16.67 -5.08 13.01
C ASP C 59 -15.88 -3.90 12.47
N SER C 60 -16.26 -2.71 12.89
CA SER C 60 -15.59 -1.51 12.43
C SER C 60 -14.11 -1.48 12.80
N GLN C 61 -13.72 -2.26 13.82
CA GLN C 61 -12.31 -2.26 14.20
C GLN C 61 -11.45 -3.11 13.29
N LYS C 62 -12.05 -4.03 12.54
CA LYS C 62 -11.27 -4.97 11.73
C LYS C 62 -10.34 -4.27 10.72
N LYS C 63 -10.90 -3.33 9.95
CA LYS C 63 -10.06 -2.58 9.00
C LYS C 63 -8.98 -1.76 9.72
N ALA C 64 -9.33 -1.24 10.91
CA ALA C 64 -8.42 -0.40 11.65
C ALA C 64 -7.23 -1.19 12.21
N ILE C 65 -7.49 -2.46 12.57
CA ILE C 65 -6.41 -3.35 13.02
C ILE C 65 -5.43 -3.59 11.89
N GLU C 66 -5.96 -3.86 10.68
CA GLU C 66 -5.10 -4.04 9.53
C GLU C 66 -4.30 -2.77 9.23
N ARG C 67 -4.96 -1.61 9.29
CA ARG C 67 -4.26 -0.35 9.09
C ARG C 67 -3.14 -0.13 10.11
N MET C 68 -3.41 -0.43 11.36
CA MET C 68 -2.40 -0.26 12.42
C MET C 68 -1.14 -1.09 12.17
N LYS C 69 -1.31 -2.33 11.73
CA LYS C 69 -0.16 -3.14 11.36
C LYS C 69 0.60 -2.52 10.19
N ASP C 70 -0.11 -1.99 9.20
CA ASP C 70 0.52 -1.27 8.10
C ASP C 70 1.37 -0.07 8.63
N THR C 71 0.79 0.72 9.55
CA THR C 71 1.42 1.88 10.10
C THR C 71 2.67 1.51 10.88
N LEU C 72 2.61 0.45 11.68
CA LEU C 72 3.77 0.06 12.48
C LEU C 72 4.92 -0.43 11.59
N ARG C 73 4.58 -1.14 10.52
CA ARG C 73 5.60 -1.64 9.62
C ARG C 73 6.32 -0.46 8.97
N ILE C 74 5.58 0.49 8.42
CA ILE C 74 6.23 1.60 7.74
C ILE C 74 6.91 2.57 8.71
N ALA C 75 6.34 2.78 9.89
CA ALA C 75 7.04 3.52 10.95
C ALA C 75 8.37 2.85 11.28
N TYR C 76 8.37 1.53 11.42
CA TYR C 76 9.60 0.82 11.71
C TYR C 76 10.65 1.05 10.61
N LEU C 77 10.26 0.90 9.35
CA LEU C 77 11.19 0.95 8.24
C LEU C 77 11.72 2.35 7.96
N THR C 78 10.94 3.38 8.29
CA THR C 78 11.35 4.78 8.10
C THR C 78 11.99 5.36 9.35
N GLU C 79 12.07 4.57 10.42
CA GLU C 79 12.66 5.03 11.67
C GLU C 79 11.90 6.24 12.21
N ALA C 80 10.60 6.29 11.97
CA ALA C 80 9.76 7.37 12.49
C ALA C 80 9.64 7.32 14.00
N LYS C 81 9.82 8.47 14.63
CA LYS C 81 9.69 8.55 16.06
C LYS C 81 8.25 8.38 16.48
N VAL C 82 8.02 7.43 17.37
CA VAL C 82 6.73 7.25 17.99
C VAL C 82 6.69 8.17 19.21
N GLU C 83 5.66 9.01 19.29
CA GLU C 83 5.50 9.89 20.43
C GLU C 83 4.85 9.08 21.56
N LYS C 84 3.60 8.69 21.35
CA LYS C 84 2.83 7.97 22.36
C LYS C 84 2.11 6.77 21.77
N LEU C 85 1.89 5.81 22.65
CA LEU C 85 0.92 4.75 22.40
C LEU C 85 -0.17 4.82 23.45
N CYS C 86 -1.41 4.68 23.01
CA CYS C 86 -2.51 4.35 23.88
C CYS C 86 -2.65 2.85 23.79
N VAL C 87 -2.66 2.19 24.93
CA VAL C 87 -2.78 0.73 24.98
C VAL C 87 -3.80 0.30 26.02
N TRP C 88 -4.34 -0.88 25.81
CA TRP C 88 -5.04 -1.60 26.87
C TRP C 88 -3.99 -2.37 27.67
N ASN C 89 -3.95 -2.08 28.97
CA ASN C 89 -3.00 -2.70 29.87
C ASN C 89 -3.63 -3.78 30.71
N ASN C 90 -4.71 -4.37 30.18
CA ASN C 90 -5.29 -5.61 30.71
C ASN C 90 -4.95 -6.79 29.79
N LYS C 91 -3.84 -6.65 29.05
CA LYS C 91 -3.32 -7.70 28.17
C LYS C 91 -1.81 -7.65 28.27
N THR C 92 -1.16 -8.80 28.04
CA THR C 92 0.30 -8.90 28.04
C THR C 92 0.74 -9.56 26.72
N PRO C 93 1.60 -8.92 25.91
CA PRO C 93 2.04 -7.52 26.06
C PRO C 93 0.86 -6.57 25.95
N HIS C 94 1.04 -5.34 26.41
CA HIS C 94 -0.03 -4.37 26.31
C HIS C 94 -0.46 -4.27 24.85
N ALA C 95 -1.77 -4.07 24.64
CA ALA C 95 -2.37 -4.09 23.31
C ALA C 95 -2.61 -2.68 22.78
N ILE C 96 -2.13 -2.40 21.58
CA ILE C 96 -2.21 -1.07 21.01
C ILE C 96 -3.64 -0.73 20.59
N ALA C 97 -4.09 0.45 21.05
CA ALA C 97 -5.36 1.08 20.70
C ALA C 97 -5.15 2.26 19.76
N ALA C 98 -4.04 2.98 19.95
CA ALA C 98 -3.78 4.16 19.13
C ALA C 98 -2.28 4.50 19.19
N ILE C 99 -1.82 5.20 18.15
CA ILE C 99 -0.44 5.65 18.06
C ILE C 99 -0.43 7.11 17.65
N SER C 100 0.54 7.87 18.19
CA SER C 100 0.80 9.22 17.73
C SER C 100 2.27 9.28 17.32
N MET C 101 2.53 10.00 16.25
CA MET C 101 3.87 10.26 15.77
C MET C 101 4.05 11.75 15.65
N ALA C 102 5.16 12.25 16.18
CA ALA C 102 5.48 13.64 16.09
C ALA C 102 7.01 13.69 16.10
N ASN C 103 7.56 14.60 15.32
CA ASN C 103 9.02 14.69 15.11
C ASN C 103 9.81 14.83 16.40
N THR D 1 -17.51 19.97 -12.95
CA THR D 1 -16.46 19.20 -12.17
C THR D 1 -15.23 20.05 -11.84
N PRO D 2 -14.92 20.16 -10.56
CA PRO D 2 -14.10 21.28 -10.10
C PRO D 2 -12.66 21.14 -10.58
N GLN D 3 -12.03 22.29 -10.79
CA GLN D 3 -10.64 22.37 -11.22
C GLN D 3 -9.69 22.32 -10.05
N ASN D 4 -10.17 22.55 -8.84
CA ASN D 4 -9.30 22.66 -7.69
C ASN D 4 -10.06 22.49 -6.40
N ILE D 5 -9.31 22.41 -5.31
CA ILE D 5 -9.86 22.16 -4.00
C ILE D 5 -10.79 23.28 -3.50
N THR D 6 -10.50 24.52 -3.86
CA THR D 6 -11.33 25.62 -3.42
C THR D 6 -12.71 25.56 -4.07
N ASP D 7 -12.74 25.28 -5.38
CA ASP D 7 -14.00 25.13 -6.09
C ASP D 7 -14.81 23.89 -5.60
N LEU D 8 -14.11 22.80 -5.32
CA LEU D 8 -14.77 21.62 -4.80
C LEU D 8 -15.42 21.92 -3.44
N CYS D 9 -14.67 22.56 -2.57
CA CYS D 9 -15.12 22.88 -1.22
C CYS D 9 -16.40 23.70 -1.25
N ALA D 10 -16.45 24.66 -2.19
CA ALA D 10 -17.58 25.59 -2.29
C ALA D 10 -18.88 24.89 -2.70
N GLU D 11 -18.81 23.63 -3.12
CA GLU D 11 -19.99 22.88 -3.52
C GLU D 11 -20.81 22.33 -2.34
N TYR D 12 -20.27 22.46 -1.13
CA TYR D 12 -20.84 21.84 0.06
C TYR D 12 -21.17 22.88 1.13
N HIS D 13 -22.20 22.60 1.92
CA HIS D 13 -22.50 23.43 3.09
C HIS D 13 -21.55 23.10 4.24
N ASN D 14 -21.40 24.04 5.16
CA ASN D 14 -20.61 23.85 6.36
C ASN D 14 -19.15 23.53 6.06
N THR D 15 -18.58 24.13 5.02
CA THR D 15 -17.17 23.90 4.74
C THR D 15 -16.38 25.20 4.73
N GLN D 16 -15.07 25.02 4.85
CA GLN D 16 -14.13 26.10 4.67
C GLN D 16 -12.79 25.54 4.24
N ILE D 17 -12.01 26.41 3.63
CA ILE D 17 -10.65 26.12 3.26
C ILE D 17 -9.69 26.64 4.34
N HIS D 18 -8.78 25.78 4.79
CA HIS D 18 -7.61 26.17 5.57
C HIS D 18 -6.40 26.11 4.65
N THR D 19 -5.62 27.17 4.60
CA THR D 19 -4.40 27.21 3.82
C THR D 19 -3.21 27.08 4.79
N LEU D 20 -2.55 25.94 4.73
CA LEU D 20 -1.47 25.64 5.67
C LEU D 20 -0.09 25.86 5.10
N ASN D 21 0.13 25.43 3.87
CA ASN D 21 1.45 25.48 3.25
C ASN D 21 2.53 25.02 4.21
N ASP D 22 2.32 23.84 4.78
CA ASP D 22 3.26 23.30 5.77
C ASP D 22 3.13 21.80 5.82
N LYS D 23 4.18 21.14 6.27
CA LYS D 23 4.10 19.71 6.55
C LYS D 23 3.28 19.45 7.81
N ILE D 24 2.78 18.22 7.92
CA ILE D 24 2.07 17.79 9.09
C ILE D 24 3.01 17.65 10.28
N PHE D 25 2.60 18.20 11.43
CA PHE D 25 3.40 18.15 12.65
C PHE D 25 3.22 16.84 13.41
N SER D 26 1.98 16.36 13.51
CA SER D 26 1.71 15.10 14.16
C SER D 26 0.63 14.32 13.45
N TYR D 27 0.78 12.99 13.52
CA TYR D 27 -0.19 12.03 12.94
C TYR D 27 -0.56 11.06 14.03
N THR D 28 -1.86 10.95 14.27
CA THR D 28 -2.44 10.04 15.25
C THR D 28 -3.48 9.15 14.60
N GLU D 29 -3.46 7.88 14.93
CA GLU D 29 -4.44 6.96 14.38
C GLU D 29 -4.88 5.97 15.47
N SER D 30 -6.18 5.64 15.45
CA SER D 30 -6.82 4.81 16.48
C SER D 30 -7.58 3.68 15.86
N LEU D 31 -7.50 2.52 16.50
CA LEU D 31 -8.33 1.37 16.15
C LEU D 31 -9.37 1.07 17.25
N ALA D 32 -9.45 1.94 18.25
CA ALA D 32 -10.43 1.77 19.34
C ALA D 32 -11.86 1.86 18.80
N GLY D 33 -12.75 1.06 19.39
CA GLY D 33 -14.11 0.91 18.90
C GLY D 33 -14.86 2.23 18.93
N LYS D 34 -15.44 2.58 17.78
CA LYS D 34 -16.20 3.83 17.58
C LYS D 34 -15.32 5.06 17.50
N ARG D 35 -14.00 4.87 17.52
CA ARG D 35 -13.04 5.94 17.33
C ARG D 35 -11.95 5.46 16.34
N GLU D 36 -12.37 4.75 15.30
CA GLU D 36 -11.50 4.31 14.23
C GLU D 36 -11.31 5.49 13.28
N MET D 37 -10.29 6.28 13.58
CA MET D 37 -10.13 7.61 13.00
C MET D 37 -8.67 8.00 12.95
N ALA D 38 -8.40 9.08 12.25
CA ALA D 38 -7.09 9.71 12.28
C ALA D 38 -7.23 11.19 12.68
N ILE D 39 -6.24 11.70 13.37
CA ILE D 39 -6.13 13.09 13.76
C ILE D 39 -4.76 13.61 13.35
N ILE D 40 -4.72 14.76 12.68
CA ILE D 40 -3.45 15.42 12.38
C ILE D 40 -3.43 16.80 13.02
N THR D 41 -2.22 17.29 13.29
CA THR D 41 -1.99 18.67 13.67
C THR D 41 -0.87 19.29 12.87
N PHE D 42 -0.86 20.61 12.88
CA PHE D 42 0.19 21.42 12.26
C PHE D 42 0.87 22.22 13.37
N LYS D 43 2.04 22.77 13.07
CA LYS D 43 2.85 23.45 14.07
C LYS D 43 2.08 24.62 14.71
N ASN D 44 1.22 25.25 13.94
CA ASN D 44 0.41 26.35 14.45
C ASN D 44 -0.71 25.93 15.43
N GLY D 45 -0.86 24.63 15.65
CA GLY D 45 -1.87 24.10 16.55
C GLY D 45 -3.13 23.59 15.84
N ALA D 46 -3.34 23.96 14.59
CA ALA D 46 -4.56 23.55 13.88
C ALA D 46 -4.65 22.04 13.85
N THR D 47 -5.84 21.56 14.18
CA THR D 47 -6.11 20.13 14.35
C THR D 47 -7.28 19.69 13.47
N PHE D 48 -7.16 18.52 12.85
CA PHE D 48 -8.16 18.04 11.89
C PHE D 48 -8.33 16.55 12.09
N GLN D 49 -9.52 16.06 11.81
CA GLN D 49 -9.79 14.64 11.84
C GLN D 49 -10.22 14.10 10.48
N VAL D 50 -9.93 12.81 10.25
CA VAL D 50 -10.73 12.00 9.34
C VAL D 50 -11.77 11.27 10.18
N GLU D 51 -13.04 11.61 9.95
CA GLU D 51 -14.13 11.05 10.78
C GLU D 51 -14.23 9.54 10.72
N VAL D 52 -14.72 8.97 11.80
CA VAL D 52 -15.18 7.59 11.84
C VAL D 52 -16.27 7.44 10.80
N PRO D 53 -16.22 6.40 9.98
CA PRO D 53 -17.27 6.19 9.00
C PRO D 53 -18.63 6.04 9.68
N GLY D 54 -19.65 6.69 9.15
CA GLY D 54 -20.92 6.67 9.82
C GLY D 54 -22.09 6.86 8.89
N SER D 55 -23.28 7.04 9.47
CA SER D 55 -24.49 7.14 8.70
C SER D 55 -24.58 8.44 7.90
N GLN D 56 -23.72 9.42 8.19
CA GLN D 56 -23.69 10.64 7.38
C GLN D 56 -23.00 10.45 6.05
N HIS D 57 -22.31 9.32 5.93
CA HIS D 57 -21.50 9.02 4.77
C HIS D 57 -22.28 8.11 3.81
N ILE D 58 -22.19 8.40 2.53
CA ILE D 58 -22.74 7.50 1.51
C ILE D 58 -21.70 6.45 1.18
N ASP D 59 -22.16 5.37 0.58
CA ASP D 59 -21.28 4.22 0.37
C ASP D 59 -20.00 4.55 -0.37
N SER D 60 -20.10 5.39 -1.39
CA SER D 60 -18.96 5.79 -2.21
C SER D 60 -17.90 6.51 -1.42
N GLN D 61 -18.27 7.12 -0.31
CA GLN D 61 -17.25 7.77 0.52
C GLN D 61 -16.43 6.82 1.37
N LYS D 62 -16.91 5.60 1.60
CA LYS D 62 -16.22 4.66 2.49
C LYS D 62 -14.78 4.38 2.04
N LYS D 63 -14.61 4.00 0.78
CA LYS D 63 -13.25 3.72 0.25
C LYS D 63 -12.43 5.01 0.27
N ALA D 64 -13.08 6.15 0.05
CA ALA D 64 -12.35 7.40 0.04
C ALA D 64 -11.85 7.79 1.42
N ILE D 65 -12.62 7.48 2.45
CA ILE D 65 -12.17 7.71 3.83
C ILE D 65 -10.88 6.91 4.08
N GLU D 66 -10.87 5.67 3.64
CA GLU D 66 -9.68 4.85 3.87
C GLU D 66 -8.49 5.38 3.10
N ARG D 67 -8.71 5.84 1.87
CA ARG D 67 -7.63 6.43 1.08
C ARG D 67 -7.08 7.68 1.74
N MET D 68 -7.97 8.52 2.29
CA MET D 68 -7.51 9.73 2.93
C MET D 68 -6.59 9.43 4.12
N LYS D 69 -6.94 8.43 4.93
CA LYS D 69 -6.03 8.06 6.00
C LYS D 69 -4.68 7.56 5.46
N ASP D 70 -4.71 6.79 4.38
CA ASP D 70 -3.46 6.38 3.74
C ASP D 70 -2.64 7.61 3.35
N THR D 71 -3.32 8.58 2.74
CA THR D 71 -2.65 9.77 2.24
C THR D 71 -2.01 10.60 3.36
N LEU D 72 -2.74 10.76 4.45
CA LEU D 72 -2.23 11.56 5.57
C LEU D 72 -0.99 10.89 6.18
N ARG D 73 -1.03 9.56 6.31
CA ARG D 73 0.08 8.85 6.91
C ARG D 73 1.35 9.00 6.06
N ILE D 74 1.25 8.78 4.77
CA ILE D 74 2.43 8.92 3.92
C ILE D 74 2.88 10.36 3.73
N ALA D 75 1.93 11.31 3.70
CA ALA D 75 2.30 12.71 3.69
C ALA D 75 3.08 13.05 4.94
N TYR D 76 2.62 12.59 6.09
CA TYR D 76 3.33 12.82 7.34
C TYR D 76 4.74 12.25 7.27
N LEU D 77 4.87 11.01 6.85
CA LEU D 77 6.17 10.31 6.90
C LEU D 77 7.16 10.90 5.91
N THR D 78 6.67 11.48 4.84
CA THR D 78 7.55 12.05 3.81
C THR D 78 7.75 13.56 3.97
N GLU D 79 7.11 14.16 4.98
CA GLU D 79 7.22 15.62 5.23
C GLU D 79 6.72 16.43 4.03
N ALA D 80 5.73 15.89 3.34
CA ALA D 80 5.15 16.58 2.18
C ALA D 80 4.39 17.79 2.63
N LYS D 81 4.61 18.92 1.96
CA LYS D 81 3.87 20.15 2.29
C LYS D 81 2.40 19.98 1.91
N VAL D 82 1.51 20.22 2.87
CA VAL D 82 0.10 20.37 2.61
C VAL D 82 -0.19 21.80 2.24
N GLU D 83 -0.82 21.98 1.10
CA GLU D 83 -1.20 23.32 0.66
C GLU D 83 -2.49 23.75 1.38
N LYS D 84 -3.60 23.09 1.07
CA LYS D 84 -4.91 23.40 1.61
C LYS D 84 -5.65 22.12 2.10
N LEU D 85 -6.54 22.36 3.05
CA LEU D 85 -7.54 21.38 3.43
C LEU D 85 -8.92 22.02 3.28
N CYS D 86 -9.85 21.27 2.70
CA CYS D 86 -11.26 21.59 2.71
C CYS D 86 -11.81 20.78 3.85
N VAL D 87 -12.49 21.43 4.79
CA VAL D 87 -13.03 20.74 5.96
C VAL D 87 -14.48 21.09 6.19
N TRP D 88 -15.18 20.18 6.85
CA TRP D 88 -16.46 20.48 7.45
C TRP D 88 -16.25 21.09 8.83
N ASN D 89 -16.86 22.25 9.05
CA ASN D 89 -16.63 23.02 10.27
C ASN D 89 -17.75 22.87 11.29
N ASN D 90 -18.66 21.92 11.03
CA ASN D 90 -19.69 21.58 12.00
C ASN D 90 -19.31 20.36 12.85
N LYS D 91 -18.01 20.06 12.88
CA LYS D 91 -17.43 19.00 13.70
C LYS D 91 -16.18 19.55 14.36
N THR D 92 -15.81 18.97 15.51
CA THR D 92 -14.57 19.32 16.17
C THR D 92 -13.85 18.00 16.51
N PRO D 93 -12.59 17.86 16.13
CA PRO D 93 -11.87 18.75 15.19
C PRO D 93 -12.59 18.84 13.86
N HIS D 94 -12.29 19.90 13.12
CA HIS D 94 -12.85 20.03 11.79
C HIS D 94 -12.52 18.76 11.00
N ALA D 95 -13.49 18.31 10.21
CA ALA D 95 -13.42 17.04 9.51
C ALA D 95 -12.95 17.22 8.07
N ILE D 96 -11.93 16.48 7.67
CA ILE D 96 -11.33 16.63 6.35
C ILE D 96 -12.24 16.06 5.26
N ALA D 97 -12.53 16.91 4.28
CA ALA D 97 -13.25 16.56 3.06
C ALA D 97 -12.31 16.39 1.88
N ALA D 98 -11.25 17.21 1.81
CA ALA D 98 -10.29 17.12 0.71
C ALA D 98 -8.94 17.73 1.14
N ILE D 99 -7.88 17.30 0.47
CA ILE D 99 -6.53 17.80 0.72
C ILE D 99 -5.88 18.13 -0.61
N SER D 100 -5.07 19.19 -0.62
CA SER D 100 -4.18 19.45 -1.73
C SER D 100 -2.74 19.56 -1.22
N MET D 101 -1.84 19.00 -2.01
CA MET D 101 -0.41 19.07 -1.74
C MET D 101 0.27 19.72 -2.92
N ALA D 102 1.16 20.67 -2.63
CA ALA D 102 1.95 21.33 -3.65
C ALA D 102 3.14 21.82 -2.88
N ASN D 103 4.28 21.87 -3.54
CA ASN D 103 5.38 22.59 -2.93
C ASN D 103 5.49 24.03 -3.42
N THR E 1 -3.73 -5.77 -26.75
CA THR E 1 -2.31 -6.15 -26.65
C THR E 1 -1.41 -4.98 -26.94
N PRO E 2 -1.75 -3.79 -26.43
CA PRO E 2 -0.91 -2.62 -26.73
C PRO E 2 0.54 -2.71 -26.30
N GLN E 3 1.41 -2.19 -27.14
CA GLN E 3 2.84 -2.11 -26.86
C GLN E 3 3.17 -0.89 -26.01
N ASN E 4 2.29 0.11 -26.03
CA ASN E 4 2.56 1.37 -25.37
C ASN E 4 1.31 2.18 -25.20
N ILE E 5 1.45 3.30 -24.49
CA ILE E 5 0.29 4.13 -24.14
C ILE E 5 -0.36 4.79 -25.35
N THR E 6 0.44 5.12 -26.37
CA THR E 6 -0.10 5.72 -27.56
C THR E 6 -1.04 4.75 -28.31
N ASP E 7 -0.60 3.53 -28.48
CA ASP E 7 -1.41 2.53 -29.14
C ASP E 7 -2.66 2.21 -28.31
N LEU E 8 -2.52 2.16 -26.99
CA LEU E 8 -3.66 1.86 -26.13
C LEU E 8 -4.68 2.99 -26.26
N CYS E 9 -4.20 4.23 -26.16
CA CYS E 9 -5.05 5.41 -26.20
C CYS E 9 -5.86 5.45 -27.50
N ALA E 10 -5.23 5.03 -28.59
CA ALA E 10 -5.86 5.06 -29.90
C ALA E 10 -7.01 4.08 -30.07
N GLU E 11 -7.18 3.16 -29.14
CA GLU E 11 -8.31 2.20 -29.20
C GLU E 11 -9.65 2.80 -28.78
N TYR E 12 -9.62 3.99 -28.22
CA TYR E 12 -10.78 4.62 -27.63
C TYR E 12 -11.17 5.91 -28.33
N HIS E 13 -12.46 6.20 -28.33
CA HIS E 13 -12.93 7.50 -28.79
C HIS E 13 -12.78 8.58 -27.72
N ASN E 14 -12.72 9.81 -28.17
CA ASN E 14 -12.64 10.99 -27.34
C ASN E 14 -11.37 11.03 -26.51
N THR E 15 -10.27 10.43 -27.00
CA THR E 15 -9.02 10.49 -26.27
C THR E 15 -7.96 11.26 -26.97
N GLN E 16 -6.98 11.69 -26.18
CA GLN E 16 -5.76 12.23 -26.72
C GLN E 16 -4.63 11.98 -25.76
N ILE E 17 -3.42 12.03 -26.32
CA ILE E 17 -2.19 11.94 -25.55
C ILE E 17 -1.69 13.36 -25.22
N HIS E 18 -1.38 13.57 -23.96
CA HIS E 18 -0.61 14.72 -23.49
C HIS E 18 0.79 14.24 -23.17
N THR E 19 1.80 14.87 -23.76
CA THR E 19 3.18 14.58 -23.43
C THR E 19 3.70 15.65 -22.49
N LEU E 20 4.00 15.25 -21.25
CA LEU E 20 4.39 16.19 -20.20
C LEU E 20 5.89 16.19 -19.93
N ASN E 21 6.45 14.99 -19.84
CA ASN E 21 7.83 14.82 -19.43
C ASN E 21 8.21 15.72 -18.24
N ASP E 22 7.46 15.61 -17.17
CA ASP E 22 7.65 16.43 -15.99
C ASP E 22 6.96 15.80 -14.79
N LYS E 23 7.43 16.14 -13.61
CA LYS E 23 6.80 15.68 -12.37
C LYS E 23 5.46 16.37 -12.15
N ILE E 24 4.63 15.76 -11.33
CA ILE E 24 3.36 16.37 -10.93
C ILE E 24 3.63 17.54 -9.98
N PHE E 25 3.01 18.69 -10.27
CA PHE E 25 3.14 19.87 -9.44
C PHE E 25 2.22 19.89 -8.23
N SER E 26 1.00 19.42 -8.38
CA SER E 26 0.08 19.36 -7.26
C SER E 26 -0.80 18.13 -7.33
N TYR E 27 -1.19 17.65 -6.17
CA TYR E 27 -2.02 16.48 -6.03
C TYR E 27 -3.14 16.80 -5.04
N THR E 28 -4.38 16.58 -5.46
CA THR E 28 -5.54 16.89 -4.67
C THR E 28 -6.43 15.66 -4.64
N GLU E 29 -6.98 15.33 -3.47
CA GLU E 29 -7.93 14.22 -3.40
C GLU E 29 -9.06 14.56 -2.43
N SER E 30 -10.25 14.05 -2.76
CA SER E 30 -11.45 14.39 -2.07
C SER E 30 -12.24 13.13 -1.67
N LEU E 31 -12.82 13.15 -0.47
CA LEU E 31 -13.75 12.13 0.00
C LEU E 31 -15.18 12.67 0.12
N ALA E 32 -15.36 13.90 -0.36
CA ALA E 32 -16.68 14.53 -0.31
C ALA E 32 -17.63 13.75 -1.21
N GLY E 33 -18.86 13.63 -0.76
CA GLY E 33 -19.86 12.82 -1.44
C GLY E 33 -20.12 13.25 -2.86
N LYS E 34 -20.08 12.27 -3.77
CA LYS E 34 -20.24 12.48 -5.21
C LYS E 34 -19.06 13.23 -5.86
N ARG E 35 -18.01 13.51 -5.07
CA ARG E 35 -16.76 14.08 -5.60
C ARG E 35 -15.57 13.31 -5.03
N GLU E 36 -15.71 11.98 -5.00
CA GLU E 36 -14.62 11.13 -4.57
C GLU E 36 -13.66 10.93 -5.74
N MET E 37 -12.67 11.81 -5.81
CA MET E 37 -11.89 11.99 -7.02
C MET E 37 -10.52 12.51 -6.67
N ALA E 38 -9.65 12.50 -7.66
CA ALA E 38 -8.34 13.13 -7.54
C ALA E 38 -8.18 14.11 -8.68
N ILE E 39 -7.41 15.15 -8.42
CA ILE E 39 -7.03 16.15 -9.42
C ILE E 39 -5.53 16.34 -9.32
N ILE E 40 -4.87 16.34 -10.46
CA ILE E 40 -3.44 16.72 -10.51
C ILE E 40 -3.22 17.91 -11.42
N THR E 41 -2.16 18.66 -11.15
CA THR E 41 -1.71 19.66 -12.10
C THR E 41 -0.23 19.54 -12.32
N PHE E 42 0.20 20.16 -13.41
CA PHE E 42 1.59 20.30 -13.77
C PHE E 42 1.97 21.76 -13.70
N LYS E 43 3.26 22.03 -13.69
CA LYS E 43 3.75 23.39 -13.46
C LYS E 43 3.21 24.41 -14.45
N ASN E 44 3.02 24.00 -15.72
CA ASN E 44 2.39 24.84 -16.75
C ASN E 44 0.92 25.20 -16.52
N GLY E 45 0.30 24.55 -15.55
CA GLY E 45 -1.08 24.79 -15.19
C GLY E 45 -2.04 23.69 -15.60
N ALA E 46 -1.62 22.86 -16.56
CA ALA E 46 -2.51 21.83 -17.06
C ALA E 46 -3.06 20.93 -15.94
N THR E 47 -4.35 20.69 -15.98
CA THR E 47 -5.10 19.99 -14.93
C THR E 47 -5.82 18.75 -15.45
N PHE E 48 -5.76 17.68 -14.67
CA PHE E 48 -6.36 16.40 -15.02
C PHE E 48 -7.03 15.81 -13.81
N GLN E 49 -8.08 15.00 -14.07
CA GLN E 49 -8.78 14.31 -13.01
C GLN E 49 -8.76 12.79 -13.19
N VAL E 50 -8.90 12.11 -12.06
CA VAL E 50 -9.38 10.75 -12.05
C VAL E 50 -10.84 10.88 -11.67
N GLU E 51 -11.72 10.48 -12.60
CA GLU E 51 -13.15 10.65 -12.38
C GLU E 51 -13.69 9.89 -11.20
N VAL E 52 -14.74 10.45 -10.65
CA VAL E 52 -15.56 9.72 -9.70
C VAL E 52 -16.11 8.45 -10.40
N PRO E 53 -16.06 7.30 -9.75
CA PRO E 53 -16.63 6.11 -10.39
C PRO E 53 -18.12 6.29 -10.65
N GLY E 54 -18.55 5.99 -11.86
CA GLY E 54 -19.95 6.15 -12.22
C GLY E 54 -20.42 5.15 -13.25
N SER E 55 -21.62 5.40 -13.76
CA SER E 55 -22.30 4.43 -14.62
C SER E 55 -21.61 4.29 -15.97
N GLN E 56 -20.71 5.22 -16.33
CA GLN E 56 -19.92 5.11 -17.56
C GLN E 56 -18.82 4.07 -17.45
N HIS E 57 -18.57 3.61 -16.24
CA HIS E 57 -17.49 2.67 -15.97
C HIS E 57 -18.00 1.25 -15.88
N ILE E 58 -17.28 0.33 -16.48
CA ILE E 58 -17.58 -1.07 -16.30
C ILE E 58 -16.93 -1.58 -15.03
N ASP E 59 -17.44 -2.71 -14.55
CA ASP E 59 -17.03 -3.22 -13.25
C ASP E 59 -15.50 -3.36 -13.15
N SER E 60 -14.87 -3.88 -14.19
CA SER E 60 -13.43 -4.10 -14.18
C SER E 60 -12.61 -2.81 -14.04
N GLN E 61 -13.19 -1.68 -14.41
CA GLN E 61 -12.51 -0.40 -14.24
C GLN E 61 -12.45 0.06 -12.81
N LYS E 62 -13.31 -0.42 -11.93
CA LYS E 62 -13.40 0.13 -10.57
C LYS E 62 -12.06 -0.05 -9.84
N LYS E 63 -11.51 -1.27 -9.89
CA LYS E 63 -10.26 -1.56 -9.19
C LYS E 63 -9.14 -0.69 -9.82
N ALA E 64 -9.22 -0.49 -11.15
CA ALA E 64 -8.18 0.21 -11.86
C ALA E 64 -8.22 1.69 -11.52
N ILE E 65 -9.40 2.25 -11.27
CA ILE E 65 -9.53 3.65 -10.85
C ILE E 65 -8.84 3.85 -9.49
N GLU E 66 -9.08 2.93 -8.56
CA GLU E 66 -8.41 3.00 -7.29
C GLU E 66 -6.90 2.88 -7.45
N ARG E 67 -6.43 1.96 -8.29
CA ARG E 67 -4.99 1.88 -8.55
C ARG E 67 -4.42 3.16 -9.10
N MET E 68 -5.11 3.78 -10.04
CA MET E 68 -4.61 5.01 -10.66
C MET E 68 -4.42 6.12 -9.63
N LYS E 69 -5.36 6.24 -8.69
CA LYS E 69 -5.20 7.27 -7.66
C LYS E 69 -3.98 6.93 -6.77
N ASP E 70 -3.80 5.63 -6.46
CA ASP E 70 -2.61 5.21 -5.73
C ASP E 70 -1.33 5.63 -6.50
N THR E 71 -1.30 5.37 -7.80
CA THR E 71 -0.16 5.67 -8.64
C THR E 71 0.14 7.17 -8.68
N LEU E 72 -0.90 7.97 -8.84
CA LEU E 72 -0.69 9.41 -8.90
C LEU E 72 -0.11 9.98 -7.59
N ARG E 73 -0.62 9.47 -6.47
CA ARG E 73 -0.13 9.93 -5.19
C ARG E 73 1.34 9.61 -4.99
N ILE E 74 1.71 8.34 -5.23
CA ILE E 74 3.13 7.99 -5.05
C ILE E 74 4.05 8.65 -6.09
N ALA E 75 3.58 8.77 -7.33
CA ALA E 75 4.35 9.53 -8.31
C ALA E 75 4.59 10.98 -7.85
N TYR E 76 3.54 11.60 -7.35
CA TYR E 76 3.68 12.95 -6.81
C TYR E 76 4.74 13.02 -5.70
N LEU E 77 4.60 12.14 -4.70
CA LEU E 77 5.50 12.18 -3.54
C LEU E 77 6.94 11.85 -3.86
N THR E 78 7.15 11.02 -4.88
CA THR E 78 8.51 10.65 -5.28
C THR E 78 9.10 11.56 -6.36
N GLU E 79 8.33 12.55 -6.78
CA GLU E 79 8.72 13.45 -7.88
C GLU E 79 9.08 12.69 -9.17
N ALA E 80 8.40 11.58 -9.42
CA ALA E 80 8.61 10.82 -10.62
C ALA E 80 8.15 11.57 -11.86
N LYS E 81 8.99 11.61 -12.89
CA LYS E 81 8.61 12.20 -14.15
C LYS E 81 7.48 11.42 -14.83
N VAL E 82 6.40 12.12 -15.14
CA VAL E 82 5.34 11.61 -16.00
C VAL E 82 5.72 11.87 -17.43
N GLU E 83 5.73 10.81 -18.24
CA GLU E 83 6.02 10.95 -19.65
C GLU E 83 4.75 11.40 -20.40
N LYS E 84 3.72 10.55 -20.41
CA LYS E 84 2.49 10.84 -21.13
C LYS E 84 1.26 10.48 -20.28
N LEU E 85 0.16 11.17 -20.56
CA LEU E 85 -1.16 10.81 -20.10
C LEU E 85 -2.01 10.56 -21.34
N CYS E 86 -2.81 9.48 -21.28
CA CYS E 86 -3.91 9.27 -22.19
C CYS E 86 -5.14 9.76 -21.44
N VAL E 87 -5.89 10.69 -22.04
CA VAL E 87 -7.05 11.25 -21.36
C VAL E 87 -8.26 11.28 -22.28
N TRP E 88 -9.44 11.24 -21.65
CA TRP E 88 -10.67 11.53 -22.33
C TRP E 88 -10.88 13.06 -22.27
N ASN E 89 -11.08 13.65 -23.44
CA ASN E 89 -11.15 15.10 -23.55
C ASN E 89 -12.60 15.61 -23.64
N ASN E 90 -13.57 14.74 -23.43
CA ASN E 90 -14.99 15.15 -23.30
C ASN E 90 -15.39 15.46 -21.86
N LYS E 91 -14.38 15.63 -21.00
CA LYS E 91 -14.60 15.98 -19.61
C LYS E 91 -13.69 17.14 -19.25
N THR E 92 -14.08 17.90 -18.24
CA THR E 92 -13.21 18.95 -17.72
C THR E 92 -13.14 18.86 -16.21
N PRO E 93 -11.95 18.78 -15.62
CA PRO E 93 -10.67 18.56 -16.31
C PRO E 93 -10.69 17.29 -17.17
N HIS E 94 -9.78 17.21 -18.15
CA HIS E 94 -9.70 15.95 -18.90
C HIS E 94 -9.47 14.78 -17.93
N ALA E 95 -10.04 13.64 -18.29
CA ALA E 95 -10.13 12.47 -17.41
C ALA E 95 -9.05 11.46 -17.79
N ILE E 96 -8.24 11.05 -16.81
CA ILE E 96 -7.14 10.16 -17.07
C ILE E 96 -7.62 8.73 -17.37
N ALA E 97 -7.16 8.22 -18.50
CA ALA E 97 -7.37 6.81 -18.88
C ALA E 97 -6.14 5.97 -18.64
N ALA E 98 -4.96 6.56 -18.83
CA ALA E 98 -3.70 5.84 -18.69
C ALA E 98 -2.54 6.80 -18.45
N ILE E 99 -1.48 6.28 -17.83
CA ILE E 99 -0.29 7.05 -17.53
C ILE E 99 0.95 6.26 -17.89
N SER E 100 1.97 6.94 -18.39
CA SER E 100 3.30 6.36 -18.59
C SER E 100 4.30 7.22 -17.85
N MET E 101 5.25 6.55 -17.21
CA MET E 101 6.36 7.19 -16.51
C MET E 101 7.65 6.68 -17.11
N ALA E 102 8.55 7.59 -17.40
CA ALA E 102 9.87 7.23 -17.91
C ALA E 102 10.79 8.38 -17.51
N ASN E 103 12.04 8.05 -17.23
CA ASN E 103 13.03 8.99 -16.68
C ASN E 103 13.39 10.12 -17.65
O31 BV4 F . -2.05 -19.66 -22.59
C73 BV4 F . -2.38 -18.75 -21.52
C72 BV4 F . -1.22 -17.77 -21.23
O30 BV4 F . -0.99 -16.93 -22.36
C71 BV4 F . -1.56 -16.86 -20.05
O29 BV4 F . -2.63 -15.98 -20.42
C70 BV4 F . -1.98 -17.72 -18.86
C75 BV4 F . -2.46 -16.90 -17.65
O32 BV4 F . -2.80 -17.77 -16.54
O28 BV4 F . -3.09 -18.61 -19.20
C74 BV4 F . -2.75 -19.51 -20.25
O25 BV4 F . -1.62 -20.33 -19.93
C66 BV4 F . -1.88 -21.22 -18.94
C65 BV4 F . -2.40 -22.45 -19.27
C67 BV4 F . -1.57 -20.91 -17.61
C68 BV4 F . -1.83 -21.84 -16.61
N14 BV4 F . -1.55 -21.51 -15.34
O27 BV4 F . -1.82 -22.39 -14.28
O26 BV4 F . -1.00 -20.23 -15.06
C69 BV4 F . -2.36 -23.08 -16.95
C64 BV4 F . -2.64 -23.37 -18.27
C13 BV4 F . -3.23 -24.72 -18.65
O24 BV4 F . -3.65 -24.94 -19.79
N13 BV4 F . -3.27 -25.59 -17.65
O31 BV4 G . 1.92 -28.61 8.31
C73 BV4 G . 1.39 -27.42 7.71
C72 BV4 G . 2.53 -26.42 7.50
O30 BV4 G . 3.48 -26.91 6.56
C71 BV4 G . 1.97 -25.08 7.01
O29 BV4 G . 1.48 -25.30 5.67
C70 BV4 G . 0.81 -24.63 7.91
C75 BV4 G . 0.14 -23.33 7.41
O32 BV4 G . -0.85 -22.85 8.35
O28 BV4 G . -0.21 -25.63 8.01
C74 BV4 G . 0.28 -26.84 8.58
O25 BV4 G . 0.83 -26.61 9.90
C66 BV4 G . -0.14 -26.27 10.79
C65 BV4 G . -0.93 -27.23 11.38
C67 BV4 G . -0.33 -24.93 11.13
C68 BV4 G . -1.31 -24.57 12.04
N14 BV4 G . -1.48 -23.27 12.33
O27 BV4 G . -2.46 -22.94 13.25
O26 BV4 G . -0.74 -22.28 11.67
C69 BV4 G . -2.12 -25.54 12.62
C64 BV4 G . -1.92 -26.87 12.29
C13 BV4 G . -2.81 -27.94 12.93
O24 BV4 G . -2.37 -29.08 13.15
N13 BV4 G . -4.04 -27.54 13.21
O31 BV4 H . -10.73 -5.50 27.34
C73 BV4 H . -10.49 -5.57 25.91
C72 BV4 H . -9.14 -4.94 25.57
O30 BV4 H . -8.10 -5.73 26.17
C71 BV4 H . -8.94 -4.90 24.06
O29 BV4 H . -8.76 -6.24 23.58
C70 BV4 H . -10.16 -4.30 23.39
C75 BV4 H . -10.07 -4.30 21.85
O32 BV4 H . -11.18 -3.56 21.30
O28 BV4 H . -11.40 -4.93 23.75
C74 BV4 H . -11.64 -4.89 25.13
O25 BV4 H . -11.72 -3.56 25.62
C66 BV4 H . -12.80 -2.87 25.15
C65 BV4 H . -13.97 -2.90 25.87
C67 BV4 H . -12.71 -2.10 24.01
C68 BV4 H . -13.81 -1.38 23.57
N14 BV4 H . -13.72 -0.66 22.44
O27 BV4 H . -14.86 -0.12 21.90
O26 BV4 H . -12.55 -0.49 21.76
C69 BV4 H . -15.00 -1.40 24.29
C64 BV4 H . -15.08 -2.18 25.44
C13 BV4 H . -16.33 -2.27 26.26
O24 BV4 H . -16.37 -2.96 27.28
N13 BV4 H . -17.35 -1.56 25.80
O31 BV4 I . -22.77 17.49 8.21
C73 BV4 I . -21.96 16.35 7.87
C72 BV4 I . -20.46 16.71 7.84
O30 BV4 I . -20.08 17.09 9.17
C71 BV4 I . -19.66 15.48 7.42
O29 BV4 I . -19.73 14.48 8.45
C70 BV4 I . -20.21 14.97 6.12
C75 BV4 I . -19.50 13.69 5.65
O32 BV4 I . -19.94 13.34 4.34
O28 BV4 I . -21.62 14.65 6.18
C74 BV4 I . -22.43 15.74 6.52
O25 BV4 I . -22.27 16.75 5.54
C66 BV4 I . -22.78 16.49 4.31
C65 BV4 I . -24.10 16.78 4.05
C67 BV4 I . -21.95 15.94 3.31
C68 BV4 I . -22.46 15.68 2.05
N14 BV4 I . -21.67 15.14 1.11
O27 BV4 I . -22.19 14.79 -0.11
O26 BV4 I . -20.36 14.88 1.39
C69 BV4 I . -23.80 15.96 1.79
C64 BV4 I . -24.60 16.49 2.78
C13 BV4 I . -26.05 16.80 2.47
O24 BV4 I . -26.87 16.92 3.39
N13 BV4 I . -26.32 16.91 1.18
O31 BV4 J . -17.22 9.22 -22.53
C73 BV4 J . -16.79 8.64 -21.31
C72 BV4 J . -15.39 9.12 -20.92
O30 BV4 J . -15.39 10.54 -20.65
C71 BV4 J . -14.91 8.38 -19.68
O29 BV4 J . -15.73 8.76 -18.56
C70 BV4 J . -15.03 6.87 -19.91
C75 BV4 J . -14.66 6.06 -18.68
O32 BV4 J . -14.54 4.69 -19.04
O28 BV4 J . -16.38 6.51 -20.24
C74 BV4 J . -16.84 7.10 -21.45
O25 BV4 J . -16.01 6.75 -22.55
C66 BV4 J . -16.01 5.42 -22.90
C65 BV4 J . -16.86 4.97 -23.87
C67 BV4 J . -15.08 4.53 -22.35
C68 BV4 J . -15.05 3.17 -22.74
N14 BV4 J . -14.17 2.33 -22.15
O27 BV4 J . -14.29 0.96 -22.32
O26 BV4 J . -13.14 2.85 -21.28
C69 BV4 J . -15.96 2.73 -23.72
C64 BV4 J . -16.86 3.62 -24.27
C13 BV4 J . -17.88 3.22 -25.36
O24 BV4 J . -18.63 4.06 -25.87
N13 BV4 J . -17.86 1.94 -25.73
C TRS K . -3.64 -3.20 -30.94
C1 TRS K . -4.25 -4.59 -31.19
C2 TRS K . -2.64 -2.91 -32.07
C3 TRS K . -2.98 -3.19 -29.57
N TRS K . -4.66 -2.12 -30.95
O1 TRS K . -5.24 -4.90 -30.19
O2 TRS K . -3.32 -2.84 -33.34
O3 TRS K . -2.40 -1.91 -29.43
C1 PGE L . -2.44 -11.50 -28.66
O1 PGE L . -1.44 -11.34 -27.66
C2 PGE L . -2.35 -10.38 -29.71
O2 PGE L . -1.79 -9.09 -29.37
C3 PGE L . -1.58 -8.22 -30.48
C4 PGE L . -0.88 -8.95 -31.60
O4 PGE L . 2.18 -8.12 -34.16
C6 PGE L . 1.08 -7.60 -33.35
C5 PGE L . -0.12 -8.46 -33.63
O3 PGE L . -1.10 -8.13 -32.74
#